data_6YZH
#
_entry.id   6YZH
#
_cell.length_a   56.374
_cell.length_b   65.019
_cell.length_c   59.198
_cell.angle_alpha   90.000
_cell.angle_beta   111.200
_cell.angle_gamma   90.000
#
_symmetry.space_group_name_H-M   'P 1 21 1'
#
loop_
_entity.id
_entity.type
_entity.pdbx_description
1 polymer 'Casein kinase II subunit alpha'
2 polymer P8C9
3 non-polymer 'MAGNESIUM ION'
4 non-polymer "ADENOSINE-5'-DIPHOSPHATE"
5 non-polymer GLYCEROL
6 non-polymer 'SODIUM ION'
7 water water
#
loop_
_entity_poly.entity_id
_entity_poly.type
_entity_poly.pdbx_seq_one_letter_code
_entity_poly.pdbx_strand_id
1 'polypeptide(L)'
;MNTIHHHHHHNTSGSGGGGGRLVPRGSMSENLYFQGSMDIEFGEGEGSEGPVPSRARVYTDVNTHRPSEYWDYESHVVEW
GNQDDYQLVRKLGRGKYSEVFEAINITNNEKVVVKILKPVKKKKIKREIKILENLRGGPNIITLADIVKDPVSRTPALVF
EHVNNTDFKQLYQTLTDYDIRFYMYEILKALDYCHSMGIMHRDVKPHNVMIDHEHRKLRLIDWGLAEFYHPGQEYNVRVA
SRYFKGPELLVDYQMYDYSLDMWSLGCMLASMIFRKEPFFHGHDNYDQLVRIAKVLGTEDLYDYIDKYNIELDPRFNDIL
GRHSRKRWERFVHSENQHLVSPEALDFLDKLLRYDHQSRLTAREAMEHPYFYTVVKENLYFQGSSGSGSGSSHHHHHH
;
A
2 'polypeptide(L)' AARLYGFK(Q2E)(NH2) D
#
# COMPACT_ATOMS: atom_id res chain seq x y z
N GLY A 19 24.09 9.51 7.23
CA GLY A 19 22.95 9.25 8.14
C GLY A 19 22.95 7.84 8.70
N GLY A 20 22.04 7.62 9.63
CA GLY A 20 21.80 6.34 10.29
C GLY A 20 21.46 5.26 9.27
N ARG A 21 21.80 4.03 9.60
CA ARG A 21 21.58 2.89 8.68
C ARG A 21 21.69 1.62 9.47
N LEU A 22 21.15 0.52 8.93
CA LEU A 22 21.44 -0.85 9.42
C LEU A 22 22.81 -1.34 8.94
N VAL A 23 23.53 -2.04 9.81
CA VAL A 23 24.85 -2.63 9.43
C VAL A 23 24.83 -4.11 9.80
N PRO A 24 25.38 -5.00 8.96
CA PRO A 24 25.40 -6.43 9.27
C PRO A 24 26.39 -6.77 10.40
N ARG A 25 26.15 -7.89 11.10
CA ARG A 25 26.96 -8.43 12.22
C ARG A 25 27.43 -9.84 11.84
N PHE A 42 -2.62 -24.56 -8.55
CA PHE A 42 -1.35 -24.52 -7.79
C PHE A 42 -0.76 -25.92 -7.61
N GLY A 43 -0.94 -26.49 -6.41
CA GLY A 43 -0.34 -27.79 -6.00
C GLY A 43 -1.30 -28.63 -5.18
N GLU A 44 -0.76 -29.68 -4.56
CA GLU A 44 -1.47 -30.68 -3.71
C GLU A 44 -2.09 -29.98 -2.50
N GLY A 45 -1.37 -29.03 -1.91
CA GLY A 45 -1.72 -28.46 -0.61
C GLY A 45 -1.70 -29.50 0.49
N GLU A 46 -2.55 -29.28 1.50
CA GLU A 46 -2.57 -30.11 2.74
C GLU A 46 -3.31 -31.43 2.47
N GLY A 47 -3.89 -31.66 1.28
CA GLY A 47 -4.76 -32.83 1.00
C GLY A 47 -6.13 -32.39 0.53
N SER A 48 -7.21 -33.06 0.95
CA SER A 48 -8.56 -32.79 0.38
C SER A 48 -9.21 -31.57 1.04
N GLU A 49 -8.64 -31.18 2.19
CA GLU A 49 -9.12 -30.00 2.97
C GLU A 49 -8.00 -28.96 3.01
N GLY A 50 -8.31 -27.79 3.55
CA GLY A 50 -7.34 -26.71 3.55
C GLY A 50 -7.29 -26.05 2.20
N PRO A 51 -6.69 -24.86 2.22
CA PRO A 51 -6.70 -23.99 1.04
C PRO A 51 -5.77 -24.52 -0.06
N VAL A 52 -6.12 -24.28 -1.30
CA VAL A 52 -5.28 -24.57 -2.48
C VAL A 52 -4.13 -23.59 -2.44
N PRO A 53 -2.89 -24.03 -2.65
CA PRO A 53 -1.76 -23.10 -2.66
C PRO A 53 -1.77 -22.18 -3.88
N SER A 54 -1.11 -21.03 -3.70
CA SER A 54 -1.00 -19.98 -4.73
C SER A 54 0.43 -19.46 -4.69
N ARG A 55 0.88 -19.04 -5.85
CA ARG A 55 2.14 -18.27 -5.93
C ARG A 55 1.94 -17.10 -6.87
N ALA A 56 2.70 -16.05 -6.61
CA ALA A 56 2.70 -14.84 -7.45
C ALA A 56 2.94 -15.23 -8.91
N ARG A 57 2.23 -14.64 -9.85
CA ARG A 57 2.46 -14.89 -11.31
C ARG A 57 3.78 -14.26 -11.71
N VAL A 58 4.26 -13.25 -11.01
CA VAL A 58 5.46 -12.47 -11.40
C VAL A 58 6.37 -12.33 -10.19
N TYR A 59 7.63 -12.08 -10.45
CA TYR A 59 8.66 -11.83 -9.46
C TYR A 59 8.60 -12.87 -8.34
N THR A 60 8.38 -14.11 -8.76
CA THR A 60 7.99 -15.14 -7.80
C THR A 60 9.11 -15.50 -6.83
N ASP A 61 10.30 -15.70 -7.37
CA ASP A 61 11.39 -16.33 -6.62
C ASP A 61 12.51 -15.33 -6.36
N VAL A 62 12.25 -14.03 -6.45
CA VAL A 62 13.34 -13.02 -6.43
C VAL A 62 14.03 -13.01 -5.07
N ASN A 63 13.36 -13.25 -3.95
CA ASN A 63 14.03 -13.19 -2.63
C ASN A 63 14.85 -14.45 -2.33
N THR A 64 14.47 -15.55 -2.93
CA THR A 64 15.10 -16.87 -2.66
C THR A 64 16.59 -16.82 -2.98
N HIS A 65 16.94 -16.06 -4.02
CA HIS A 65 18.26 -15.99 -4.64
C HIS A 65 19.04 -14.74 -4.23
N ARG A 66 18.52 -13.88 -3.34
CA ARG A 66 19.26 -12.74 -2.82
C ARG A 66 20.33 -13.20 -1.85
N PRO A 67 21.41 -12.40 -1.69
CA PRO A 67 22.27 -12.52 -0.52
C PRO A 67 21.40 -12.32 0.72
N SER A 68 21.70 -13.06 1.77
CA SER A 68 20.84 -13.13 2.96
C SER A 68 20.73 -11.73 3.57
N GLU A 69 21.75 -10.89 3.44
CA GLU A 69 21.78 -9.51 4.00
C GLU A 69 20.65 -8.65 3.42
N TYR A 70 20.15 -8.99 2.24
CA TYR A 70 19.04 -8.19 1.64
C TYR A 70 17.81 -8.29 2.52
N TRP A 71 17.48 -9.47 3.01
CA TRP A 71 16.22 -9.72 3.75
C TRP A 71 16.44 -9.93 5.25
N ASP A 72 17.69 -10.18 5.69
CA ASP A 72 17.90 -10.68 7.08
C ASP A 72 18.08 -9.50 8.04
N TYR A 73 17.01 -8.74 8.24
CA TYR A 73 17.14 -7.51 9.06
C TYR A 73 17.34 -7.86 10.54
N GLU A 74 16.98 -9.06 11.01
CA GLU A 74 17.21 -9.37 12.47
C GLU A 74 18.70 -9.37 12.77
N SER A 75 19.54 -9.71 11.81
N SER A 75 19.56 -9.73 11.82
CA SER A 75 21.00 -9.87 11.99
CA SER A 75 21.02 -9.86 12.05
C SER A 75 21.75 -8.55 11.79
C SER A 75 21.73 -8.54 11.87
N HIS A 76 21.02 -7.50 11.46
CA HIS A 76 21.62 -6.17 11.33
C HIS A 76 21.40 -5.35 12.59
N VAL A 77 22.27 -4.38 12.79
CA VAL A 77 22.13 -3.45 13.92
C VAL A 77 22.06 -2.04 13.32
N VAL A 78 21.38 -1.18 14.02
CA VAL A 78 21.26 0.23 13.59
C VAL A 78 22.52 0.99 14.04
N GLU A 79 23.10 1.77 13.16
CA GLU A 79 24.10 2.83 13.45
C GLU A 79 23.32 4.14 13.48
N TRP A 80 23.14 4.75 14.61
CA TRP A 80 22.22 5.87 14.79
C TRP A 80 22.84 7.18 14.33
N GLY A 81 22.09 8.08 13.75
CA GLY A 81 22.51 9.45 13.53
C GLY A 81 22.40 10.30 14.78
N ASN A 82 22.51 11.61 14.59
CA ASN A 82 22.48 12.58 15.69
C ASN A 82 21.08 13.22 15.74
N GLN A 83 20.37 12.89 16.81
CA GLN A 83 19.01 13.43 17.01
C GLN A 83 19.04 14.96 17.05
N ASP A 84 20.11 15.54 17.59
CA ASP A 84 20.27 17.02 17.70
C ASP A 84 20.30 17.74 16.35
N ASP A 85 20.48 17.05 15.21
CA ASP A 85 20.41 17.64 13.87
C ASP A 85 19.00 18.16 13.55
N TYR A 86 17.97 17.66 14.25
CA TYR A 86 16.57 17.85 13.81
C TYR A 86 15.77 18.59 14.87
N GLN A 87 15.05 19.62 14.46
CA GLN A 87 14.17 20.36 15.40
C GLN A 87 12.77 20.37 14.81
N LEU A 88 11.76 20.18 15.65
CA LEU A 88 10.36 19.98 15.20
C LEU A 88 9.77 21.32 14.76
N VAL A 89 8.93 21.29 13.74
CA VAL A 89 8.25 22.49 13.17
C VAL A 89 6.76 22.37 13.40
N ARG A 90 6.12 21.27 13.04
CA ARG A 90 4.67 21.09 13.26
C ARG A 90 4.30 19.62 13.19
N LYS A 91 3.22 19.26 13.87
CA LYS A 91 2.67 17.88 13.87
C LYS A 91 1.92 17.65 12.55
N LEU A 92 2.13 16.48 11.94
CA LEU A 92 1.48 16.09 10.65
C LEU A 92 0.57 14.86 10.82
N GLY A 93 1.04 13.86 11.57
CA GLY A 93 0.37 12.57 11.69
C GLY A 93 0.27 12.26 13.16
N ARG A 94 -0.93 11.80 13.55
CA ARG A 94 -1.25 11.28 14.91
C ARG A 94 -2.06 9.99 14.69
N GLY A 95 -1.45 8.98 14.03
CA GLY A 95 -2.09 7.69 13.78
C GLY A 95 -2.05 6.91 15.06
N LYS A 96 -2.48 5.68 14.99
CA LYS A 96 -2.48 4.84 16.20
C LYS A 96 -1.06 4.37 16.52
N TYR A 97 -0.13 4.30 15.55
CA TYR A 97 1.15 3.55 15.68
C TYR A 97 2.39 4.43 15.42
N SER A 98 2.24 5.74 15.21
CA SER A 98 3.36 6.67 15.02
C SER A 98 2.89 8.07 15.35
N GLU A 99 3.87 8.95 15.56
CA GLU A 99 3.64 10.39 15.58
C GLU A 99 4.58 10.98 14.53
N VAL A 100 4.08 11.79 13.65
CA VAL A 100 4.86 12.29 12.52
C VAL A 100 4.90 13.80 12.59
N PHE A 101 6.07 14.39 12.46
CA PHE A 101 6.30 15.83 12.52
C PHE A 101 7.08 16.26 11.30
N GLU A 102 6.74 17.42 10.77
CA GLU A 102 7.68 18.18 9.96
C GLU A 102 8.78 18.71 10.85
N ALA A 103 10.02 18.69 10.39
CA ALA A 103 11.19 19.13 11.14
C ALA A 103 12.16 19.82 10.20
N ILE A 104 13.11 20.57 10.74
N ILE A 104 13.15 20.46 10.79
CA ILE A 104 14.25 21.05 9.91
CA ILE A 104 14.28 21.09 10.07
C ILE A 104 15.53 20.42 10.42
C ILE A 104 15.57 20.40 10.46
N ASN A 105 16.37 20.04 9.46
CA ASN A 105 17.75 19.62 9.69
C ASN A 105 18.57 20.91 9.87
N ILE A 106 18.99 21.19 11.09
CA ILE A 106 19.68 22.47 11.43
C ILE A 106 21.11 22.46 10.87
N THR A 107 21.65 21.30 10.47
CA THR A 107 23.05 21.20 9.95
C THR A 107 23.11 21.74 8.53
N ASN A 108 22.05 21.58 7.73
CA ASN A 108 22.05 21.91 6.28
C ASN A 108 20.80 22.69 5.90
N ASN A 109 19.91 22.95 6.86
CA ASN A 109 18.69 23.79 6.71
C ASN A 109 17.59 23.17 5.82
N GLU A 110 17.56 21.84 5.62
CA GLU A 110 16.56 21.18 4.75
C GLU A 110 15.35 20.72 5.57
N LYS A 111 14.16 20.77 4.99
CA LYS A 111 12.91 20.24 5.55
C LYS A 111 13.00 18.72 5.52
N VAL A 112 12.59 18.10 6.59
CA VAL A 112 12.50 16.62 6.71
C VAL A 112 11.21 16.30 7.41
N VAL A 113 10.87 15.04 7.47
CA VAL A 113 9.78 14.54 8.31
C VAL A 113 10.38 13.54 9.27
N VAL A 114 9.94 13.59 10.50
N VAL A 114 10.01 13.62 10.53
CA VAL A 114 10.37 12.65 11.55
CA VAL A 114 10.41 12.60 11.54
C VAL A 114 9.19 11.76 11.91
C VAL A 114 9.20 11.76 11.90
N LYS A 115 9.37 10.45 11.88
CA LYS A 115 8.32 9.50 12.23
C LYS A 115 8.75 8.79 13.48
N ILE A 116 8.09 9.14 14.59
CA ILE A 116 8.45 8.63 15.91
C ILE A 116 7.67 7.33 16.09
N LEU A 117 8.33 6.23 16.30
CA LEU A 117 7.64 4.94 16.30
C LEU A 117 7.14 4.66 17.72
N LYS A 118 5.81 4.50 17.86
CA LYS A 118 5.14 4.08 19.11
C LYS A 118 5.54 2.63 19.41
N PRO A 119 5.53 2.21 20.70
CA PRO A 119 5.88 0.84 21.09
C PRO A 119 5.33 -0.28 20.19
N VAL A 120 6.28 -1.12 19.73
CA VAL A 120 6.14 -1.98 18.52
C VAL A 120 7.38 -2.88 18.51
N LYS A 121 7.25 -4.09 17.96
CA LYS A 121 8.40 -5.04 17.82
C LYS A 121 9.60 -4.24 17.30
N LYS A 122 10.74 -4.37 17.98
CA LYS A 122 12.10 -4.17 17.41
C LYS A 122 12.17 -4.82 16.01
N LYS A 123 11.60 -6.01 15.90
CA LYS A 123 11.64 -6.77 14.63
C LYS A 123 10.90 -5.90 13.59
N LYS A 124 9.80 -5.27 14.01
CA LYS A 124 8.99 -4.50 13.08
C LYS A 124 9.79 -3.26 12.66
N ILE A 125 10.46 -2.56 13.56
N ILE A 125 10.46 -2.52 13.57
CA ILE A 125 11.15 -1.32 13.13
CA ILE A 125 11.20 -1.28 13.18
C ILE A 125 12.33 -1.67 12.19
C ILE A 125 12.33 -1.67 12.20
N LYS A 126 13.10 -2.70 12.50
CA LYS A 126 14.22 -3.03 11.60
C LYS A 126 13.70 -3.54 10.26
N ARG A 127 12.53 -4.15 10.21
CA ARG A 127 11.97 -4.57 8.92
C ARG A 127 11.63 -3.32 8.07
N GLU A 128 10.99 -2.31 8.66
CA GLU A 128 10.65 -1.07 7.92
C GLU A 128 11.96 -0.44 7.45
N ILE A 129 12.97 -0.34 8.31
CA ILE A 129 14.26 0.26 7.92
C ILE A 129 14.87 -0.54 6.75
N LYS A 130 14.93 -1.84 6.88
CA LYS A 130 15.60 -2.65 5.86
C LYS A 130 14.93 -2.46 4.52
N ILE A 131 13.61 -2.50 4.49
CA ILE A 131 12.85 -2.31 3.23
C ILE A 131 13.11 -0.92 2.68
N LEU A 132 13.05 0.11 3.52
CA LEU A 132 13.33 1.47 3.01
C LEU A 132 14.72 1.57 2.43
N GLU A 133 15.69 0.93 3.07
CA GLU A 133 17.09 0.99 2.54
C GLU A 133 17.17 0.17 1.26
N ASN A 134 16.52 -0.99 1.19
CA ASN A 134 16.58 -1.76 -0.05
C ASN A 134 15.99 -0.98 -1.22
N LEU A 135 14.92 -0.24 -1.01
CA LEU A 135 14.17 0.42 -2.08
C LEU A 135 14.65 1.84 -2.31
N ARG A 136 15.56 2.36 -1.50
CA ARG A 136 15.99 3.77 -1.58
C ARG A 136 16.55 4.07 -2.97
N GLY A 137 16.09 5.19 -3.50
CA GLY A 137 16.50 5.63 -4.85
C GLY A 137 15.64 5.06 -5.94
N GLY A 138 14.71 4.16 -5.67
CA GLY A 138 13.81 3.64 -6.70
C GLY A 138 12.73 4.64 -7.07
N PRO A 139 12.02 4.44 -8.18
CA PRO A 139 11.08 5.41 -8.71
C PRO A 139 9.94 5.63 -7.73
N ASN A 140 9.77 6.87 -7.32
CA ASN A 140 8.64 7.30 -6.51
C ASN A 140 8.64 6.66 -5.12
N ILE A 141 9.75 6.17 -4.66
CA ILE A 141 9.87 5.59 -3.29
C ILE A 141 10.36 6.68 -2.37
N ILE A 142 9.68 6.91 -1.25
CA ILE A 142 10.19 7.90 -0.26
C ILE A 142 11.62 7.54 0.14
N THR A 143 12.43 8.58 0.32
CA THR A 143 13.81 8.45 0.76
C THR A 143 13.94 8.52 2.28
N LEU A 144 14.45 7.47 2.90
CA LEU A 144 14.89 7.46 4.32
C LEU A 144 16.24 8.16 4.37
N ALA A 145 16.30 9.25 5.10
CA ALA A 145 17.51 10.11 5.22
C ALA A 145 18.32 9.77 6.46
N ASP A 146 17.69 9.38 7.55
CA ASP A 146 18.43 9.19 8.80
C ASP A 146 17.59 8.33 9.74
N ILE A 147 18.21 7.85 10.80
CA ILE A 147 17.58 7.03 11.84
C ILE A 147 18.17 7.51 13.15
N VAL A 148 17.36 7.99 14.06
CA VAL A 148 17.86 8.58 15.34
C VAL A 148 17.02 8.03 16.48
N LYS A 149 17.53 8.22 17.68
CA LYS A 149 16.73 7.84 18.86
C LYS A 149 16.96 8.79 20.02
N ASP A 150 15.95 8.88 20.85
CA ASP A 150 16.02 9.71 22.08
C ASP A 150 17.02 9.06 23.02
N PRO A 151 18.13 9.74 23.41
CA PRO A 151 19.06 9.10 24.36
C PRO A 151 18.43 8.80 25.72
N VAL A 152 17.38 9.52 26.11
CA VAL A 152 16.68 9.32 27.41
C VAL A 152 15.72 8.13 27.29
N SER A 153 14.64 8.23 26.52
CA SER A 153 13.56 7.22 26.46
C SER A 153 13.91 6.04 25.53
N ARG A 154 14.93 6.21 24.67
N ARG A 154 14.92 6.21 24.66
CA ARG A 154 15.36 5.25 23.61
CA ARG A 154 15.38 5.26 23.61
C ARG A 154 14.27 5.06 22.54
C ARG A 154 14.39 5.19 22.43
N THR A 155 13.33 6.00 22.42
CA THR A 155 12.29 6.01 21.37
C THR A 155 12.99 6.29 20.04
N PRO A 156 12.86 5.38 19.06
CA PRO A 156 13.47 5.57 17.75
C PRO A 156 12.59 6.42 16.85
N ALA A 157 13.25 7.05 15.87
CA ALA A 157 12.57 7.86 14.88
C ALA A 157 13.24 7.65 13.53
N LEU A 158 12.44 7.60 12.50
CA LEU A 158 12.90 7.56 11.10
C LEU A 158 12.81 8.96 10.55
N VAL A 159 13.81 9.40 9.81
CA VAL A 159 13.86 10.73 9.22
C VAL A 159 13.76 10.58 7.73
N PHE A 160 12.83 11.25 7.09
CA PHE A 160 12.54 11.15 5.66
C PHE A 160 12.69 12.48 4.98
N GLU A 161 12.90 12.42 3.67
CA GLU A 161 12.63 13.58 2.82
C GLU A 161 11.20 14.07 3.04
N HIS A 162 11.03 15.37 3.04
CA HIS A 162 9.70 15.98 3.22
C HIS A 162 9.01 16.06 1.87
N VAL A 163 7.75 15.69 1.78
CA VAL A 163 6.91 15.95 0.59
C VAL A 163 5.83 16.95 1.00
N ASN A 164 5.68 18.04 0.24
CA ASN A 164 4.71 19.10 0.58
C ASN A 164 3.35 18.66 0.09
N ASN A 165 2.71 17.79 0.84
CA ASN A 165 1.49 17.09 0.44
C ASN A 165 0.29 18.05 0.44
N THR A 166 -0.64 17.84 -0.44
CA THR A 166 -2.04 18.36 -0.29
C THR A 166 -2.92 17.21 0.15
N ASP A 167 -3.56 17.31 1.31
CA ASP A 167 -4.46 16.24 1.81
C ASP A 167 -5.37 15.77 0.68
N PHE A 168 -5.56 14.46 0.53
CA PHE A 168 -6.31 13.91 -0.60
C PHE A 168 -7.77 14.37 -0.56
N LYS A 169 -8.30 14.65 0.63
CA LYS A 169 -9.71 15.10 0.82
C LYS A 169 -9.88 16.49 0.23
N GLN A 170 -8.79 17.21 -0.06
CA GLN A 170 -8.86 18.50 -0.81
C GLN A 170 -8.39 18.26 -2.24
N LEU A 171 -7.28 17.55 -2.41
CA LEU A 171 -6.63 17.45 -3.74
C LEU A 171 -7.45 16.66 -4.75
N TYR A 172 -7.99 15.52 -4.37
CA TYR A 172 -8.46 14.57 -5.40
C TYR A 172 -9.63 15.16 -6.19
N GLN A 173 -10.52 15.90 -5.53
CA GLN A 173 -11.68 16.51 -6.22
C GLN A 173 -11.29 17.63 -7.18
N THR A 174 -10.02 18.10 -7.18
N THR A 174 -10.04 18.09 -7.21
CA THR A 174 -9.49 19.15 -8.10
CA THR A 174 -9.61 19.14 -8.19
C THR A 174 -8.73 18.53 -9.29
C THR A 174 -8.90 18.49 -9.39
N LEU A 175 -8.49 17.22 -9.28
CA LEU A 175 -7.69 16.60 -10.34
C LEU A 175 -8.47 16.49 -11.65
N THR A 176 -7.79 16.71 -12.75
CA THR A 176 -8.35 16.48 -14.08
C THR A 176 -8.26 14.99 -14.43
N ASP A 177 -8.84 14.59 -15.52
CA ASP A 177 -8.74 13.21 -16.04
C ASP A 177 -7.26 12.92 -16.23
N TYR A 178 -6.49 13.70 -16.92
CA TYR A 178 -5.06 13.45 -17.12
C TYR A 178 -4.36 13.34 -15.80
N ASP A 179 -4.64 14.24 -14.85
CA ASP A 179 -3.91 14.21 -13.58
C ASP A 179 -4.11 12.84 -12.87
N ILE A 180 -5.31 12.29 -12.90
CA ILE A 180 -5.56 10.97 -12.25
C ILE A 180 -4.72 9.97 -13.01
N ARG A 181 -4.74 9.94 -14.32
CA ARG A 181 -3.92 8.98 -15.08
C ARG A 181 -2.46 9.14 -14.70
N PHE A 182 -1.95 10.36 -14.65
CA PHE A 182 -0.53 10.64 -14.39
C PHE A 182 -0.20 10.06 -13.01
N TYR A 183 -0.94 10.42 -11.99
CA TYR A 183 -0.56 9.98 -10.63
C TYR A 183 -0.75 8.47 -10.47
N MET A 184 -1.75 7.88 -11.10
N MET A 184 -1.74 7.87 -11.09
CA MET A 184 -1.90 6.40 -11.06
CA MET A 184 -1.87 6.39 -11.09
C MET A 184 -0.66 5.76 -11.69
C MET A 184 -0.62 5.77 -11.68
N TYR A 185 -0.12 6.31 -12.77
CA TYR A 185 1.07 5.75 -13.41
C TYR A 185 2.23 5.89 -12.48
N GLU A 186 2.38 7.01 -11.78
CA GLU A 186 3.47 7.19 -10.81
C GLU A 186 3.41 6.16 -9.69
N ILE A 187 2.21 5.89 -9.18
CA ILE A 187 2.10 4.86 -8.12
C ILE A 187 2.48 3.52 -8.73
N LEU A 188 2.07 3.22 -9.94
CA LEU A 188 2.44 1.94 -10.58
C LEU A 188 3.92 1.85 -10.75
N LYS A 189 4.64 2.90 -11.03
CA LYS A 189 6.11 2.80 -11.14
C LYS A 189 6.67 2.35 -9.81
N ALA A 190 6.16 2.88 -8.70
CA ALA A 190 6.65 2.52 -7.37
C ALA A 190 6.31 1.05 -7.06
N LEU A 191 5.11 0.62 -7.41
CA LEU A 191 4.70 -0.78 -7.11
C LEU A 191 5.44 -1.75 -8.01
N ASP A 192 5.58 -1.48 -9.28
CA ASP A 192 6.35 -2.41 -10.13
C ASP A 192 7.75 -2.48 -9.58
N TYR A 193 8.32 -1.36 -9.15
CA TYR A 193 9.66 -1.38 -8.60
C TYR A 193 9.70 -2.23 -7.33
N CYS A 194 8.83 -1.94 -6.35
CA CYS A 194 8.93 -2.67 -5.09
C CYS A 194 8.62 -4.15 -5.30
N HIS A 195 7.65 -4.50 -6.09
CA HIS A 195 7.32 -5.92 -6.36
C HIS A 195 8.53 -6.59 -7.03
N SER A 196 9.20 -5.89 -7.94
CA SER A 196 10.38 -6.47 -8.66
C SER A 196 11.49 -6.70 -7.65
N MET A 197 11.54 -5.95 -6.57
CA MET A 197 12.51 -6.06 -5.50
C MET A 197 12.04 -7.02 -4.40
N GLY A 198 10.96 -7.73 -4.64
CA GLY A 198 10.48 -8.77 -3.71
C GLY A 198 9.68 -8.25 -2.54
N ILE A 199 9.07 -7.08 -2.66
N ILE A 199 9.15 -7.03 -2.64
CA ILE A 199 8.42 -6.47 -1.47
CA ILE A 199 8.40 -6.40 -1.52
C ILE A 199 6.98 -6.14 -1.80
C ILE A 199 6.94 -6.28 -1.88
N MET A 200 6.07 -6.61 -0.94
CA MET A 200 4.65 -6.24 -0.94
C MET A 200 4.48 -5.03 -0.04
N HIS A 201 3.80 -4.00 -0.49
CA HIS A 201 3.63 -2.81 0.38
C HIS A 201 2.61 -3.05 1.51
N ARG A 202 1.46 -3.59 1.15
CA ARG A 202 0.39 -4.05 2.05
C ARG A 202 -0.33 -2.92 2.76
N ASP A 203 -0.17 -1.70 2.34
CA ASP A 203 -1.02 -0.60 2.90
C ASP A 203 -1.17 0.51 1.89
N VAL A 204 -1.46 0.16 0.66
CA VAL A 204 -1.68 1.19 -0.37
C VAL A 204 -3.02 1.89 -0.12
N LYS A 205 -3.01 3.20 0.00
CA LYS A 205 -4.21 4.00 0.26
C LYS A 205 -3.80 5.45 0.14
N PRO A 206 -4.77 6.40 0.03
CA PRO A 206 -4.42 7.79 -0.15
C PRO A 206 -3.51 8.37 0.93
N HIS A 207 -3.73 8.01 2.18
CA HIS A 207 -2.93 8.56 3.28
C HIS A 207 -1.47 8.15 3.18
N ASN A 208 -1.16 7.11 2.41
CA ASN A 208 0.24 6.64 2.23
C ASN A 208 0.81 7.00 0.85
N VAL A 209 0.18 7.96 0.21
CA VAL A 209 0.64 8.49 -1.10
C VAL A 209 0.77 10.00 -0.97
N MET A 210 1.98 10.47 -0.89
CA MET A 210 2.24 11.92 -0.74
C MET A 210 2.42 12.55 -2.11
N ILE A 211 1.77 13.69 -2.33
CA ILE A 211 1.79 14.39 -3.61
C ILE A 211 2.10 15.88 -3.36
N ASP A 212 3.18 16.34 -3.94
CA ASP A 212 3.48 17.80 -4.02
C ASP A 212 2.95 18.19 -5.38
N HIS A 213 1.72 18.68 -5.41
CA HIS A 213 1.00 18.91 -6.65
C HIS A 213 1.62 20.04 -7.52
N GLU A 214 2.25 21.02 -6.90
CA GLU A 214 2.97 22.07 -7.65
C GLU A 214 4.00 21.43 -8.55
N HIS A 215 4.68 20.39 -8.06
CA HIS A 215 5.79 19.74 -8.77
C HIS A 215 5.38 18.43 -9.44
N ARG A 216 4.14 18.04 -9.36
CA ARG A 216 3.70 16.72 -9.91
C ARG A 216 4.61 15.65 -9.31
N LYS A 217 4.93 15.75 -8.04
CA LYS A 217 5.89 14.88 -7.37
C LYS A 217 5.12 13.94 -6.44
N LEU A 218 5.18 12.65 -6.70
CA LEU A 218 4.45 11.62 -5.91
C LEU A 218 5.44 10.67 -5.25
N ARG A 219 5.21 10.41 -3.98
CA ARG A 219 6.03 9.42 -3.26
C ARG A 219 5.12 8.45 -2.54
N LEU A 220 5.41 7.16 -2.71
CA LEU A 220 4.77 6.09 -1.92
C LEU A 220 5.53 5.99 -0.60
N ILE A 221 4.84 6.28 0.47
CA ILE A 221 5.39 6.29 1.84
C ILE A 221 4.84 5.09 2.60
N ASP A 222 5.22 5.03 3.88
CA ASP A 222 4.68 4.06 4.84
C ASP A 222 4.96 2.62 4.45
N TRP A 223 6.16 2.20 4.72
CA TRP A 223 6.65 0.85 4.47
C TRP A 223 6.62 0.03 5.76
N GLY A 224 5.87 0.49 6.77
CA GLY A 224 5.87 -0.23 8.06
C GLY A 224 5.01 -1.48 8.09
N LEU A 225 4.21 -1.78 7.08
CA LEU A 225 3.55 -3.10 6.98
C LEU A 225 4.13 -3.87 5.81
N ALA A 226 5.08 -3.31 5.10
CA ALA A 226 5.63 -3.99 3.93
C ALA A 226 6.34 -5.26 4.36
N GLU A 227 6.40 -6.23 3.44
CA GLU A 227 7.02 -7.53 3.75
C GLU A 227 7.68 -8.09 2.52
N PHE A 228 8.63 -8.98 2.76
CA PHE A 228 9.31 -9.74 1.72
C PHE A 228 8.42 -10.89 1.31
N TYR A 229 8.20 -11.04 0.02
CA TYR A 229 7.43 -12.12 -0.60
C TYR A 229 8.28 -13.37 -0.76
N HIS A 230 7.76 -14.49 -0.22
CA HIS A 230 8.39 -15.82 -0.41
C HIS A 230 7.31 -16.76 -0.88
N PRO A 231 7.51 -17.47 -1.99
CA PRO A 231 6.46 -18.32 -2.52
C PRO A 231 6.07 -19.43 -1.53
N GLY A 232 4.78 -19.59 -1.31
CA GLY A 232 4.28 -20.64 -0.42
C GLY A 232 4.14 -20.16 0.99
N GLN A 233 4.54 -18.94 1.32
CA GLN A 233 4.51 -18.46 2.70
C GLN A 233 3.09 -18.02 3.06
N GLU A 234 2.61 -18.33 4.24
CA GLU A 234 1.28 -17.90 4.74
C GLU A 234 1.50 -16.62 5.54
N TYR A 235 0.85 -15.53 5.17
CA TYR A 235 1.03 -14.22 5.79
C TYR A 235 -0.17 -13.91 6.68
N ASN A 236 0.04 -12.94 7.54
CA ASN A 236 -1.05 -12.41 8.41
C ASN A 236 -2.02 -11.65 7.53
N VAL A 237 -3.31 -11.85 7.67
CA VAL A 237 -4.30 -11.11 6.87
C VAL A 237 -4.68 -9.78 7.55
N ARG A 238 -4.15 -9.48 8.73
N ARG A 238 -4.21 -9.52 8.77
CA ARG A 238 -4.47 -8.22 9.46
CA ARG A 238 -4.46 -8.23 9.47
C ARG A 238 -3.55 -7.11 8.98
C ARG A 238 -3.45 -7.20 8.96
N VAL A 239 -3.58 -6.84 7.69
CA VAL A 239 -2.77 -5.80 7.04
C VAL A 239 -3.74 -4.93 6.27
N ALA A 240 -3.22 -3.87 5.70
CA ALA A 240 -3.92 -2.87 4.92
C ALA A 240 -4.92 -2.19 5.84
N SER A 241 -5.78 -1.43 5.25
N SER A 241 -5.70 -1.31 5.25
CA SER A 241 -6.78 -0.61 5.94
CA SER A 241 -6.80 -0.57 5.90
C SER A 241 -8.12 -1.00 5.32
C SER A 241 -8.10 -1.16 5.35
N ARG A 242 -9.13 -1.21 6.18
CA ARG A 242 -10.42 -1.87 5.85
C ARG A 242 -10.86 -1.54 4.42
N TYR A 243 -10.96 -0.30 4.04
CA TYR A 243 -11.59 0.07 2.75
C TYR A 243 -10.77 -0.39 1.56
N PHE A 244 -9.49 -0.70 1.79
CA PHE A 244 -8.52 -1.06 0.72
C PHE A 244 -8.14 -2.53 0.82
N LYS A 245 -8.72 -3.29 1.73
CA LYS A 245 -8.37 -4.72 1.88
C LYS A 245 -8.89 -5.54 0.74
N GLY A 246 -8.02 -6.35 0.16
CA GLY A 246 -8.43 -7.28 -0.88
C GLY A 246 -9.32 -8.39 -0.30
N PRO A 247 -10.14 -9.00 -1.18
CA PRO A 247 -10.96 -10.13 -0.74
C PRO A 247 -10.16 -11.24 -0.08
N GLU A 248 -8.92 -11.49 -0.53
CA GLU A 248 -8.10 -12.54 0.10
C GLU A 248 -7.97 -12.24 1.58
N LEU A 249 -7.81 -11.00 2.00
CA LEU A 249 -7.67 -10.69 3.43
C LEU A 249 -9.01 -10.92 4.10
N LEU A 250 -10.10 -10.54 3.45
CA LEU A 250 -11.45 -10.54 4.08
C LEU A 250 -11.96 -11.97 4.21
N VAL A 251 -11.50 -12.91 3.41
CA VAL A 251 -11.92 -14.34 3.53
C VAL A 251 -10.81 -15.16 4.19
N ASP A 252 -9.75 -14.55 4.69
CA ASP A 252 -8.69 -15.22 5.47
C ASP A 252 -7.94 -16.21 4.59
N TYR A 253 -7.56 -15.84 3.39
CA TYR A 253 -6.67 -16.62 2.51
C TYR A 253 -5.26 -16.07 2.66
N GLN A 254 -4.39 -16.80 3.32
CA GLN A 254 -3.11 -16.29 3.83
C GLN A 254 -2.01 -16.34 2.77
N MET A 255 -2.14 -17.11 1.71
CA MET A 255 -1.02 -17.32 0.76
C MET A 255 -1.10 -16.28 -0.38
N TYR A 256 -1.16 -15.02 0.02
CA TYR A 256 -1.33 -13.89 -0.91
C TYR A 256 0.03 -13.34 -1.32
N ASP A 257 0.01 -12.37 -2.22
CA ASP A 257 1.26 -11.90 -2.82
C ASP A 257 1.10 -10.43 -3.21
N TYR A 258 1.99 -9.95 -4.08
CA TYR A 258 2.03 -8.56 -4.56
C TYR A 258 0.68 -8.12 -5.04
N SER A 259 -0.14 -9.01 -5.59
CA SER A 259 -1.44 -8.66 -6.19
C SER A 259 -2.37 -8.03 -5.15
N LEU A 260 -2.16 -8.19 -3.87
CA LEU A 260 -2.94 -7.46 -2.87
C LEU A 260 -2.89 -5.97 -3.13
N ASP A 261 -1.71 -5.47 -3.47
CA ASP A 261 -1.53 -4.01 -3.66
C ASP A 261 -2.35 -3.54 -4.83
N MET A 262 -2.53 -4.39 -5.83
CA MET A 262 -3.27 -4.03 -7.04
C MET A 262 -4.76 -3.87 -6.73
N TRP A 263 -5.32 -4.68 -5.86
CA TRP A 263 -6.71 -4.46 -5.39
C TRP A 263 -6.80 -3.08 -4.71
N SER A 264 -5.89 -2.81 -3.81
CA SER A 264 -5.89 -1.51 -3.07
C SER A 264 -5.84 -0.35 -4.04
N LEU A 265 -5.01 -0.46 -5.06
CA LEU A 265 -4.88 0.60 -6.05
C LEU A 265 -6.17 0.75 -6.80
N GLY A 266 -6.85 -0.35 -7.15
CA GLY A 266 -8.18 -0.27 -7.79
C GLY A 266 -9.18 0.44 -6.92
N CYS A 267 -9.14 0.25 -5.62
CA CYS A 267 -10.07 0.97 -4.72
C CYS A 267 -9.76 2.45 -4.77
N MET A 268 -8.48 2.83 -4.82
CA MET A 268 -8.12 4.26 -4.97
C MET A 268 -8.63 4.80 -6.30
N LEU A 269 -8.40 4.12 -7.39
CA LEU A 269 -8.82 4.59 -8.72
C LEU A 269 -10.32 4.83 -8.71
N ALA A 270 -11.10 3.85 -8.24
CA ALA A 270 -12.57 3.99 -8.24
C ALA A 270 -12.94 5.24 -7.45
N SER A 271 -12.37 5.47 -6.31
CA SER A 271 -12.72 6.64 -5.48
C SER A 271 -12.40 7.92 -6.25
N MET A 272 -11.34 7.96 -7.05
CA MET A 272 -10.89 9.17 -7.76
C MET A 272 -11.81 9.41 -8.96
N ILE A 273 -12.07 8.43 -9.82
CA ILE A 273 -12.81 8.68 -11.07
C ILE A 273 -14.28 8.79 -10.76
N PHE A 274 -14.81 8.22 -9.69
CA PHE A 274 -16.24 8.34 -9.38
C PHE A 274 -16.48 9.40 -8.32
N ARG A 275 -15.46 10.01 -7.73
CA ARG A 275 -15.62 11.04 -6.65
C ARG A 275 -16.46 10.47 -5.52
N LYS A 276 -16.04 9.31 -5.03
CA LYS A 276 -16.73 8.55 -3.99
C LYS A 276 -15.68 7.95 -3.06
N GLU A 277 -15.51 8.54 -1.88
CA GLU A 277 -14.35 8.24 -1.01
C GLU A 277 -14.86 7.86 0.36
N PRO A 278 -14.60 6.64 0.88
CA PRO A 278 -14.01 5.56 0.07
C PRO A 278 -15.04 4.90 -0.82
N PHE A 279 -14.55 4.14 -1.78
CA PHE A 279 -15.47 3.54 -2.76
C PHE A 279 -16.26 2.40 -2.11
N PHE A 280 -15.62 1.50 -1.41
CA PHE A 280 -16.28 0.39 -0.70
C PHE A 280 -16.21 0.73 0.78
N HIS A 281 -17.33 1.19 1.33
CA HIS A 281 -17.36 1.78 2.67
C HIS A 281 -17.95 0.81 3.69
N GLY A 282 -17.26 -0.24 4.06
CA GLY A 282 -17.76 -1.24 5.00
C GLY A 282 -17.74 -0.73 6.44
N HIS A 283 -18.60 -1.28 7.27
CA HIS A 283 -18.68 -0.89 8.71
C HIS A 283 -17.74 -1.73 9.55
N ASP A 284 -17.19 -2.80 8.99
CA ASP A 284 -16.29 -3.76 9.65
C ASP A 284 -15.75 -4.71 8.56
N ASN A 285 -14.88 -5.65 8.90
CA ASN A 285 -14.22 -6.48 7.87
C ASN A 285 -15.25 -7.38 7.18
N TYR A 286 -16.28 -7.84 7.89
CA TYR A 286 -17.29 -8.71 7.26
C TYR A 286 -18.17 -7.88 6.32
N ASP A 287 -18.68 -6.76 6.79
CA ASP A 287 -19.46 -5.82 5.97
C ASP A 287 -18.64 -5.35 4.74
N GLN A 288 -17.34 -5.16 4.89
CA GLN A 288 -16.48 -4.76 3.75
C GLN A 288 -16.68 -5.74 2.59
N LEU A 289 -16.66 -7.02 2.88
CA LEU A 289 -16.81 -7.99 1.76
C LEU A 289 -18.23 -7.91 1.19
N VAL A 290 -19.23 -7.67 2.03
CA VAL A 290 -20.61 -7.51 1.53
C VAL A 290 -20.69 -6.30 0.61
N ARG A 291 -20.07 -5.18 0.95
CA ARG A 291 -20.07 -3.97 0.13
C ARG A 291 -19.44 -4.25 -1.24
N ILE A 292 -18.35 -4.98 -1.24
CA ILE A 292 -17.69 -5.37 -2.51
C ILE A 292 -18.65 -6.27 -3.31
N ALA A 293 -19.24 -7.27 -2.67
CA ALA A 293 -20.12 -8.25 -3.36
C ALA A 293 -21.37 -7.58 -3.92
N LYS A 294 -21.85 -6.51 -3.30
CA LYS A 294 -23.01 -5.79 -3.86
C LYS A 294 -22.67 -5.07 -5.16
N VAL A 295 -21.39 -4.92 -5.48
CA VAL A 295 -20.95 -4.26 -6.73
C VAL A 295 -20.44 -5.29 -7.72
N LEU A 296 -19.51 -6.16 -7.32
N LEU A 296 -19.47 -6.10 -7.28
CA LEU A 296 -18.85 -7.11 -8.26
CA LEU A 296 -18.78 -7.09 -8.14
C LEU A 296 -19.64 -8.42 -8.34
C LEU A 296 -19.73 -8.24 -8.46
N GLY A 297 -20.74 -8.49 -7.60
CA GLY A 297 -21.57 -9.69 -7.64
C GLY A 297 -21.01 -10.82 -6.83
N THR A 298 -21.80 -11.81 -6.47
CA THR A 298 -21.36 -12.99 -5.70
C THR A 298 -20.94 -14.13 -6.62
N GLU A 299 -21.27 -14.14 -7.91
CA GLU A 299 -20.93 -15.31 -8.76
C GLU A 299 -19.41 -15.48 -8.73
N ASP A 300 -18.69 -14.42 -9.00
CA ASP A 300 -17.21 -14.50 -9.09
C ASP A 300 -16.63 -14.71 -7.69
N LEU A 301 -17.30 -14.28 -6.63
CA LEU A 301 -16.79 -14.45 -5.26
C LEU A 301 -16.88 -15.93 -4.89
N TYR A 302 -18.03 -16.54 -5.12
CA TYR A 302 -18.17 -17.98 -4.80
C TYR A 302 -17.31 -18.81 -5.73
N ASP A 303 -17.06 -18.39 -6.95
CA ASP A 303 -16.13 -19.13 -7.85
C ASP A 303 -14.72 -19.07 -7.25
N TYR A 304 -14.32 -17.91 -6.72
CA TYR A 304 -12.99 -17.71 -6.09
C TYR A 304 -12.84 -18.60 -4.85
N ILE A 305 -13.85 -18.62 -4.02
CA ILE A 305 -13.81 -19.41 -2.78
C ILE A 305 -13.73 -20.88 -3.17
N ASP A 306 -14.45 -21.28 -4.21
CA ASP A 306 -14.41 -22.70 -4.64
C ASP A 306 -13.02 -23.03 -5.20
N LYS A 307 -12.48 -22.18 -6.06
CA LYS A 307 -11.20 -22.44 -6.74
C LYS A 307 -10.09 -22.64 -5.72
N TYR A 308 -10.03 -21.86 -4.66
CA TYR A 308 -8.94 -21.97 -3.69
C TYR A 308 -9.33 -22.78 -2.45
N ASN A 309 -10.53 -23.39 -2.47
CA ASN A 309 -11.04 -24.20 -1.33
C ASN A 309 -10.95 -23.41 -0.04
N ILE A 310 -11.37 -22.15 -0.05
CA ILE A 310 -11.35 -21.24 1.11
C ILE A 310 -12.50 -21.61 2.04
N GLU A 311 -12.20 -21.73 3.31
CA GLU A 311 -13.26 -21.94 4.36
C GLU A 311 -13.83 -20.57 4.70
N LEU A 312 -15.05 -20.28 4.27
CA LEU A 312 -15.65 -18.96 4.51
C LEU A 312 -16.18 -18.95 5.95
N ASP A 313 -15.77 -17.95 6.74
CA ASP A 313 -16.21 -17.73 8.14
C ASP A 313 -17.73 -17.85 8.18
N PRO A 314 -18.30 -18.70 9.07
CA PRO A 314 -19.76 -18.84 9.16
C PRO A 314 -20.52 -17.54 9.44
N ARG A 315 -19.85 -16.50 9.93
CA ARG A 315 -20.46 -15.16 10.12
C ARG A 315 -20.94 -14.60 8.76
N PHE A 316 -20.40 -15.09 7.64
CA PHE A 316 -20.88 -14.63 6.33
C PHE A 316 -22.22 -15.26 5.93
N ASN A 317 -22.62 -16.37 6.56
CA ASN A 317 -23.89 -17.07 6.24
C ASN A 317 -25.07 -16.10 6.16
N ASP A 318 -25.27 -15.27 7.17
CA ASP A 318 -26.48 -14.41 7.26
C ASP A 318 -26.36 -13.22 6.32
N ILE A 319 -25.13 -12.75 6.03
CA ILE A 319 -24.97 -11.34 5.60
C ILE A 319 -24.59 -11.20 4.13
N LEU A 320 -23.92 -12.20 3.55
N LEU A 320 -24.03 -12.22 3.51
CA LEU A 320 -23.33 -12.11 2.17
CA LEU A 320 -23.40 -12.00 2.19
C LEU A 320 -24.47 -12.20 1.15
C LEU A 320 -24.40 -12.25 1.07
N GLY A 321 -25.19 -13.32 1.19
CA GLY A 321 -26.26 -13.67 0.24
C GLY A 321 -25.77 -13.76 -1.18
N ARG A 322 -26.65 -13.38 -2.14
CA ARG A 322 -26.34 -13.50 -3.59
C ARG A 322 -26.71 -12.17 -4.23
N HIS A 323 -25.80 -11.59 -4.98
CA HIS A 323 -25.94 -10.28 -5.59
C HIS A 323 -25.55 -10.32 -7.04
N SER A 324 -26.31 -9.60 -7.86
CA SER A 324 -25.93 -9.40 -9.26
C SER A 324 -24.63 -8.56 -9.35
N ARG A 325 -23.89 -8.73 -10.43
CA ARG A 325 -22.78 -7.83 -10.80
C ARG A 325 -23.34 -6.54 -11.37
N LYS A 326 -22.91 -5.39 -10.89
CA LYS A 326 -23.36 -4.07 -11.39
C LYS A 326 -22.37 -3.67 -12.50
N ARG A 327 -22.88 -2.97 -13.49
CA ARG A 327 -22.03 -2.39 -14.57
C ARG A 327 -21.29 -1.20 -13.96
N TRP A 328 -20.00 -1.02 -14.30
CA TRP A 328 -19.16 0.10 -13.79
C TRP A 328 -19.84 1.43 -14.15
N GLU A 329 -20.62 1.44 -15.25
N GLU A 329 -20.59 1.47 -15.25
CA GLU A 329 -21.35 2.63 -15.76
CA GLU A 329 -21.30 2.71 -15.71
C GLU A 329 -22.36 3.18 -14.74
C GLU A 329 -22.38 3.13 -14.68
N ARG A 330 -22.84 2.43 -13.74
N ARG A 330 -22.73 2.29 -13.72
CA ARG A 330 -23.87 2.93 -12.76
CA ARG A 330 -23.70 2.61 -12.62
C ARG A 330 -23.28 3.95 -11.76
C ARG A 330 -23.26 3.83 -11.79
N PHE A 331 -21.95 4.09 -11.64
CA PHE A 331 -21.38 5.09 -10.68
C PHE A 331 -21.09 6.45 -11.33
N VAL A 332 -21.34 6.53 -12.63
CA VAL A 332 -21.08 7.74 -13.48
C VAL A 332 -22.25 8.72 -13.29
N HIS A 333 -21.95 10.00 -13.06
CA HIS A 333 -22.98 11.07 -12.96
C HIS A 333 -22.40 12.38 -13.51
N SER A 334 -23.21 13.45 -13.54
CA SER A 334 -22.84 14.72 -14.22
C SER A 334 -21.53 15.28 -13.65
N GLU A 335 -21.27 15.10 -12.35
CA GLU A 335 -20.10 15.71 -11.66
C GLU A 335 -18.80 14.94 -11.92
N ASN A 336 -18.87 13.65 -12.27
CA ASN A 336 -17.62 12.84 -12.41
C ASN A 336 -17.46 12.38 -13.85
N GLN A 337 -18.37 12.66 -14.78
CA GLN A 337 -18.34 12.02 -16.10
C GLN A 337 -17.06 12.40 -16.87
N HIS A 338 -16.49 13.57 -16.61
CA HIS A 338 -15.28 14.02 -17.34
C HIS A 338 -14.06 13.20 -16.91
N LEU A 339 -14.18 12.41 -15.84
CA LEU A 339 -13.04 11.60 -15.31
C LEU A 339 -13.18 10.16 -15.78
N VAL A 340 -14.29 9.81 -16.41
CA VAL A 340 -14.59 8.40 -16.75
C VAL A 340 -14.46 8.28 -18.26
N SER A 341 -13.89 7.22 -18.73
CA SER A 341 -13.74 6.88 -20.16
C SER A 341 -13.92 5.38 -20.25
N PRO A 342 -14.13 4.83 -21.45
CA PRO A 342 -14.20 3.39 -21.60
C PRO A 342 -12.88 2.78 -21.09
N GLU A 343 -11.75 3.40 -21.37
CA GLU A 343 -10.44 2.88 -20.97
C GLU A 343 -10.31 2.88 -19.45
N ALA A 344 -10.81 3.88 -18.75
CA ALA A 344 -10.79 3.90 -17.28
C ALA A 344 -11.59 2.74 -16.72
N LEU A 345 -12.77 2.47 -17.25
CA LEU A 345 -13.62 1.44 -16.68
C LEU A 345 -13.03 0.07 -17.00
N ASP A 346 -12.48 -0.13 -18.18
CA ASP A 346 -11.81 -1.41 -18.51
C ASP A 346 -10.64 -1.64 -17.55
N PHE A 347 -9.81 -0.64 -17.33
CA PHE A 347 -8.65 -0.75 -16.41
C PHE A 347 -9.14 -1.07 -15.01
N LEU A 348 -10.12 -0.34 -14.48
CA LEU A 348 -10.67 -0.61 -13.16
C LEU A 348 -11.18 -2.04 -13.05
N ASP A 349 -11.88 -2.53 -14.06
CA ASP A 349 -12.45 -3.87 -14.09
C ASP A 349 -11.32 -4.90 -13.98
N LYS A 350 -10.17 -4.60 -14.52
CA LYS A 350 -9.04 -5.57 -14.53
C LYS A 350 -8.21 -5.48 -13.26
N LEU A 351 -8.37 -4.46 -12.42
CA LEU A 351 -7.77 -4.42 -11.06
C LEU A 351 -8.71 -5.09 -10.04
N LEU A 352 -10.01 -4.75 -10.07
CA LEU A 352 -10.96 -5.18 -9.03
C LEU A 352 -11.53 -6.53 -9.43
N ARG A 353 -10.69 -7.55 -9.36
N ARG A 353 -10.69 -7.55 -9.36
CA ARG A 353 -11.06 -8.97 -9.55
CA ARG A 353 -11.07 -8.97 -9.55
C ARG A 353 -10.91 -9.67 -8.20
C ARG A 353 -10.91 -9.67 -8.20
N TYR A 354 -11.85 -10.51 -7.83
CA TYR A 354 -11.72 -11.31 -6.62
C TYR A 354 -10.46 -12.17 -6.67
N ASP A 355 -10.30 -12.85 -7.79
CA ASP A 355 -9.17 -13.81 -7.91
C ASP A 355 -7.87 -13.01 -8.05
N HIS A 356 -7.06 -13.04 -7.00
CA HIS A 356 -5.80 -12.27 -6.96
C HIS A 356 -4.92 -12.61 -8.14
N GLN A 357 -4.95 -13.85 -8.62
CA GLN A 357 -4.13 -14.26 -9.77
C GLN A 357 -4.60 -13.66 -11.07
N SER A 358 -5.83 -13.18 -11.13
N SER A 358 -5.83 -13.19 -11.15
CA SER A 358 -6.47 -12.64 -12.35
CA SER A 358 -6.40 -12.65 -12.42
C SER A 358 -6.18 -11.14 -12.51
C SER A 358 -6.19 -11.14 -12.52
N ARG A 359 -5.83 -10.46 -11.44
CA ARG A 359 -5.62 -9.00 -11.48
C ARG A 359 -4.43 -8.66 -12.33
N LEU A 360 -4.47 -7.52 -13.00
CA LEU A 360 -3.25 -7.00 -13.64
C LEU A 360 -2.12 -6.92 -12.64
N THR A 361 -0.90 -7.22 -13.07
CA THR A 361 0.32 -6.87 -12.33
C THR A 361 0.59 -5.39 -12.54
N ALA A 362 1.48 -4.82 -11.74
CA ALA A 362 1.78 -3.39 -11.90
C ALA A 362 2.31 -3.09 -13.31
N ARG A 363 3.20 -3.93 -13.84
CA ARG A 363 3.76 -3.70 -15.18
C ARG A 363 2.68 -3.90 -16.22
N GLU A 364 1.82 -4.88 -16.09
CA GLU A 364 0.74 -5.07 -17.04
C GLU A 364 -0.21 -3.88 -16.99
N ALA A 365 -0.47 -3.33 -15.82
CA ALA A 365 -1.32 -2.14 -15.64
C ALA A 365 -0.69 -0.98 -16.38
N MET A 366 0.60 -0.79 -16.29
CA MET A 366 1.30 0.36 -16.94
C MET A 366 1.15 0.25 -18.46
N GLU A 367 0.92 -0.92 -19.01
CA GLU A 367 0.78 -1.15 -20.47
C GLU A 367 -0.67 -0.96 -20.91
N HIS A 368 -1.60 -0.69 -20.04
CA HIS A 368 -3.03 -0.57 -20.38
C HIS A 368 -3.28 0.67 -21.22
N PRO A 369 -4.21 0.63 -22.20
CA PRO A 369 -4.57 1.83 -22.98
C PRO A 369 -4.91 3.07 -22.15
N TYR A 370 -5.42 2.91 -20.94
CA TYR A 370 -5.69 4.09 -20.08
C TYR A 370 -4.46 4.98 -20.00
N PHE A 371 -3.26 4.45 -20.05
CA PHE A 371 -2.03 5.23 -19.86
C PHE A 371 -1.34 5.62 -21.18
N TYR A 372 -1.93 5.36 -22.33
CA TYR A 372 -1.20 5.60 -23.60
C TYR A 372 -0.67 7.03 -23.70
N THR A 373 -1.42 8.03 -23.28
CA THR A 373 -0.94 9.44 -23.36
C THR A 373 0.12 9.73 -22.30
N VAL A 374 -0.03 9.17 -21.10
CA VAL A 374 0.99 9.38 -20.04
C VAL A 374 2.31 8.77 -20.50
N VAL A 375 2.27 7.62 -21.16
CA VAL A 375 3.51 6.90 -21.57
C VAL A 375 4.27 7.75 -22.60
N LYS A 376 3.56 8.39 -23.53
CA LYS A 376 4.26 9.15 -24.61
C LYS A 376 4.88 10.40 -23.97
N GLU A 377 4.29 10.94 -22.91
CA GLU A 377 4.84 12.09 -22.14
C GLU A 377 5.96 11.62 -21.20
N ASN A 378 6.09 10.32 -20.96
CA ASN A 378 7.17 9.70 -20.16
C ASN A 378 6.84 9.94 -18.67
CA ALA B 1 12.90 24.96 26.40
C ALA B 1 12.01 23.72 26.39
N ALA B 2 11.66 23.22 25.21
CA ALA B 2 10.76 22.06 25.07
C ALA B 2 11.50 20.98 24.31
N ARG B 3 11.34 19.74 24.76
CA ARG B 3 11.72 18.54 23.95
C ARG B 3 10.60 17.55 23.94
N LEU B 4 10.46 16.85 22.81
CA LEU B 4 9.42 15.83 22.66
C LEU B 4 10.07 14.58 22.04
N TYR B 5 10.08 13.47 22.74
CA TYR B 5 10.80 12.24 22.33
C TYR B 5 12.25 12.58 22.01
N GLY B 6 12.83 13.54 22.74
CA GLY B 6 14.23 13.94 22.61
C GLY B 6 14.44 15.08 21.63
N PHE B 7 13.53 15.32 20.71
CA PHE B 7 13.67 16.40 19.71
C PHE B 7 13.35 17.77 20.34
N LYS B 8 14.21 18.75 20.10
CA LYS B 8 13.87 20.14 20.50
C LYS B 8 12.79 20.63 19.55
#